data_2V6V
#
_entry.id   2V6V
#
_cell.length_a   61.015
_cell.length_b   71.621
_cell.length_c   75.316
_cell.angle_alpha   90.00
_cell.angle_beta   90.00
_cell.angle_gamma   90.00
#
_symmetry.space_group_name_H-M   'P 21 21 21'
#
loop_
_entity.id
_entity.type
_entity.pdbx_description
1 polymer 'BUD EMERGENCE PROTEIN 1'
2 non-polymer 2,3-DIHYDROXY-1,4-DITHIOBUTANE
3 water water
#
_entity_poly.entity_id   1
_entity_poly.type   'polypeptide(L)'
_entity_poly.pdbx_seq_one_letter_code
;SITKPQNKSAKLVDGELLVKASVESFGLEDEKYWFLVCCELSNGKTRQLKRYYQDFYDLQVQLLDAFPAEAGKLRDAGGQ
WSKRI(MSE)PYIPGPVPYVTNSITKKRKEDLNIYVADLVNLPDYISRSE(MSE)VHSLFVVLNNGFDREFERDENGSHH
HHHH
;
_entity_poly.pdbx_strand_id   A,B
#
# COMPACT_ATOMS: atom_id res chain seq x y z
N LYS A 11 -1.14 -4.26 1.05
CA LYS A 11 -2.01 -3.05 1.19
C LYS A 11 -1.52 -2.07 2.23
N LEU A 12 -1.66 -0.79 1.92
CA LEU A 12 -1.37 0.29 2.86
C LEU A 12 -2.66 1.08 3.05
N VAL A 13 -2.89 1.54 4.27
CA VAL A 13 -4.06 2.37 4.53
C VAL A 13 -3.56 3.71 5.05
N ASP A 14 -3.88 4.77 4.31
CA ASP A 14 -3.49 6.11 4.69
C ASP A 14 -3.98 6.43 6.11
N GLY A 15 -3.09 6.98 6.94
CA GLY A 15 -3.40 7.35 8.31
C GLY A 15 -3.39 6.17 9.28
N GLU A 16 -2.94 5.02 8.79
CA GLU A 16 -2.98 3.78 9.58
C GLU A 16 -1.76 2.94 9.25
N LEU A 17 -0.61 3.53 9.49
CA LEU A 17 0.67 2.88 9.20
C LEU A 17 1.30 2.27 10.46
N LEU A 18 2.15 1.27 10.28
CA LEU A 18 2.75 0.60 11.43
C LEU A 18 3.63 1.53 12.23
N VAL A 19 3.46 1.51 13.55
CA VAL A 19 4.35 2.26 14.45
C VAL A 19 5.03 1.38 15.48
N LYS A 20 4.51 0.17 15.69
CA LYS A 20 5.10 -0.75 16.69
C LYS A 20 4.70 -2.17 16.35
N ALA A 21 5.60 -3.10 16.64
CA ALA A 21 5.34 -4.53 16.45
C ALA A 21 6.09 -5.38 17.47
N SER A 22 5.50 -6.53 17.79
CA SER A 22 6.08 -7.45 18.77
C SER A 22 5.65 -8.88 18.44
N VAL A 23 6.37 -9.83 19.04
CA VAL A 23 5.91 -11.23 19.05
C VAL A 23 5.81 -11.60 20.51
N GLU A 24 4.57 -11.91 20.94
CA GLU A 24 4.26 -11.97 22.37
C GLU A 24 4.31 -13.37 22.96
N SER A 25 4.10 -14.38 22.13
CA SER A 25 4.01 -15.75 22.61
C SER A 25 4.09 -16.72 21.45
N PHE A 26 4.24 -17.99 21.79
CA PHE A 26 4.12 -19.04 20.79
C PHE A 26 3.23 -20.16 21.31
N GLY A 27 2.67 -20.93 20.39
CA GLY A 27 1.83 -22.07 20.76
C GLY A 27 1.97 -23.20 19.77
N LEU A 28 1.34 -24.32 20.10
CA LEU A 28 1.35 -25.52 19.27
C LEU A 28 -0.10 -25.93 18.99
N GLU A 29 -0.39 -26.21 17.73
CA GLU A 29 -1.67 -26.82 17.37
C GLU A 29 -1.39 -27.95 16.37
N ASP A 30 -1.76 -29.18 16.76
CA ASP A 30 -1.46 -30.41 15.98
C ASP A 30 -0.06 -30.39 15.33
N GLU A 31 0.97 -30.48 16.15
CA GLU A 31 2.36 -30.56 15.66
C GLU A 31 2.90 -29.32 14.94
N LYS A 32 2.09 -28.26 14.79
CA LYS A 32 2.54 -27.03 14.13
C LYS A 32 2.63 -25.86 15.11
N TYR A 33 3.81 -25.27 15.20
CA TYR A 33 4.03 -24.13 16.08
C TYR A 33 3.61 -22.83 15.41
N TRP A 34 3.04 -21.93 16.21
CA TRP A 34 2.64 -20.60 15.71
C TRP A 34 3.02 -19.51 16.70
N PHE A 35 3.02 -18.26 16.23
CA PHE A 35 3.44 -17.12 17.02
C PHE A 35 2.34 -16.09 17.05
N LEU A 36 2.16 -15.49 18.22
CA LEU A 36 1.24 -14.36 18.35
C LEU A 36 2.00 -13.08 18.06
N VAL A 37 1.60 -12.42 16.98
CA VAL A 37 2.23 -11.17 16.54
C VAL A 37 1.27 -10.03 16.87
N CYS A 38 1.79 -8.98 17.53
CA CYS A 38 0.97 -7.82 17.85
C CYS A 38 1.56 -6.59 17.18
N CYS A 39 0.70 -5.65 16.81
CA CYS A 39 1.20 -4.41 16.24
C CYS A 39 0.26 -3.27 16.56
N GLU A 40 0.80 -2.07 16.47
CA GLU A 40 0.04 -0.85 16.67
C GLU A 40 0.20 0.01 15.43
N LEU A 41 -0.90 0.62 15.03
CA LEU A 41 -0.95 1.51 13.85
C LEU A 41 -0.99 2.98 14.28
N SER A 42 -0.74 3.87 13.32
CA SER A 42 -0.56 5.29 13.65
C SER A 42 -1.85 5.96 14.14
N ASN A 43 -2.99 5.35 13.84
CA ASN A 43 -4.30 5.85 14.32
C ASN A 43 -4.71 5.24 15.66
N GLY A 44 -3.76 4.54 16.28
CA GLY A 44 -3.99 3.92 17.59
C GLY A 44 -4.68 2.56 17.59
N LYS A 45 -5.10 2.09 16.41
CA LYS A 45 -5.67 0.75 16.32
C LYS A 45 -4.54 -0.26 16.58
N THR A 46 -4.91 -1.44 17.06
CA THR A 46 -3.93 -2.51 17.27
C THR A 46 -4.43 -3.80 16.64
N ARG A 47 -3.52 -4.74 16.41
CA ARG A 47 -3.90 -6.04 15.90
C ARG A 47 -3.24 -7.14 16.70
N GLN A 48 -3.96 -8.26 16.76
CA GLN A 48 -3.42 -9.52 17.26
C GLN A 48 -3.52 -10.53 16.13
N LEU A 49 -2.36 -11.11 15.77
CA LEU A 49 -2.24 -11.91 14.55
C LEU A 49 -1.58 -13.27 14.82
N LYS A 50 -1.91 -14.26 13.98
CA LYS A 50 -1.25 -15.58 14.10
C LYS A 50 -0.37 -15.80 12.87
N ARG A 51 0.92 -16.05 13.13
CA ARG A 51 1.86 -16.24 12.03
C ARG A 51 2.73 -17.45 12.32
N TYR A 52 3.22 -18.06 11.25
CA TYR A 52 4.11 -19.21 11.37
C TYR A 52 5.53 -18.78 11.00
N TYR A 53 6.52 -19.58 11.36
CA TYR A 53 7.89 -19.18 11.04
C TYR A 53 8.02 -18.87 9.54
N GLN A 54 7.37 -19.68 8.72
CA GLN A 54 7.48 -19.54 7.26
C GLN A 54 7.07 -18.15 6.78
N ASP A 55 6.14 -17.53 7.50
CA ASP A 55 5.66 -16.21 7.10
C ASP A 55 6.75 -15.17 7.24
N PHE A 56 7.54 -15.30 8.30
CA PHE A 56 8.65 -14.38 8.51
C PHE A 56 9.75 -14.64 7.48
N TYR A 57 10.04 -15.93 7.26
CA TYR A 57 11.04 -16.34 6.27
C TYR A 57 10.69 -15.84 4.86
N ASP A 58 9.45 -16.05 4.44
CA ASP A 58 8.97 -15.61 3.12
C ASP A 58 9.12 -14.08 2.94
N LEU A 59 8.78 -13.30 3.97
CA LEU A 59 8.98 -11.84 3.95
C LEU A 59 10.45 -11.51 3.79
N GLN A 60 11.28 -12.17 4.60
CA GLN A 60 12.71 -11.87 4.60
C GLN A 60 13.32 -12.12 3.22
N VAL A 61 12.94 -13.21 2.57
CA VAL A 61 13.39 -13.48 1.21
C VAL A 61 13.00 -12.33 0.29
N GLN A 62 11.74 -11.85 0.41
CA GLN A 62 11.28 -10.72 -0.41
C GLN A 62 12.07 -9.45 -0.15
N LEU A 63 12.31 -9.17 1.13
CA LEU A 63 13.01 -7.93 1.52
C LEU A 63 14.46 -7.92 1.09
N LEU A 64 15.16 -9.04 1.24
CA LEU A 64 16.57 -9.10 0.84
C LEU A 64 16.69 -8.90 -0.68
N ASP A 65 15.72 -9.42 -1.41
CA ASP A 65 15.68 -9.24 -2.87
C ASP A 65 15.30 -7.82 -3.31
N ALA A 66 14.37 -7.21 -2.58
CA ALA A 66 13.88 -5.87 -2.96
C ALA A 66 14.85 -4.75 -2.58
N PHE A 67 15.67 -4.98 -1.54
CA PHE A 67 16.62 -4.00 -1.03
C PHE A 67 18.04 -4.57 -0.91
N PRO A 68 18.65 -4.94 -2.06
CA PRO A 68 19.95 -5.62 -2.00
C PRO A 68 21.05 -4.82 -1.29
N ALA A 69 21.12 -3.51 -1.54
CA ALA A 69 22.14 -2.70 -0.89
C ALA A 69 22.02 -2.80 0.63
N GLU A 70 20.80 -2.58 1.13
CA GLU A 70 20.55 -2.54 2.57
C GLU A 70 20.66 -3.93 3.21
N ALA A 71 20.57 -4.96 2.38
CA ALA A 71 20.76 -6.34 2.81
C ALA A 71 22.26 -6.75 2.84
N GLY A 72 23.13 -5.85 2.39
CA GLY A 72 24.57 -6.14 2.33
C GLY A 72 24.90 -7.12 1.22
N LYS A 73 24.10 -7.13 0.16
CA LYS A 73 24.22 -8.11 -0.93
C LYS A 73 24.75 -7.51 -2.23
N LEU A 74 25.16 -6.25 -2.18
CA LEU A 74 25.76 -5.60 -3.36
C LEU A 74 27.24 -5.39 -3.17
N ARG A 75 27.97 -5.42 -4.29
CA ARG A 75 29.40 -5.11 -4.30
C ARG A 75 29.66 -3.91 -5.19
N ASP A 76 30.38 -2.91 -4.66
CA ASP A 76 30.81 -1.78 -5.48
C ASP A 76 31.97 -2.17 -6.40
N ALA A 77 32.39 -1.22 -7.26
CA ALA A 77 33.54 -1.40 -8.16
C ALA A 77 34.79 -1.91 -7.44
N GLY A 78 35.01 -1.43 -6.21
CA GLY A 78 36.16 -1.84 -5.41
C GLY A 78 36.09 -3.26 -4.87
N GLY A 79 34.90 -3.88 -4.92
CA GLY A 79 34.70 -5.23 -4.41
C GLY A 79 34.13 -5.30 -3.00
N GLN A 80 33.94 -4.14 -2.37
CA GLN A 80 33.44 -4.09 -0.99
C GLN A 80 31.92 -4.32 -0.92
N TRP A 81 31.47 -5.14 0.01
CA TRP A 81 30.02 -5.38 0.17
C TRP A 81 29.35 -4.18 0.81
N SER A 82 28.16 -3.86 0.31
CA SER A 82 27.33 -2.77 0.85
C SER A 82 27.00 -2.96 2.34
N LYS A 83 26.76 -1.85 3.03
CA LYS A 83 26.49 -1.87 4.46
C LYS A 83 25.13 -2.50 4.72
N ARG A 84 25.08 -3.50 5.60
CA ARG A 84 23.77 -4.10 5.94
C ARG A 84 23.09 -3.38 7.09
N ILE A 85 21.87 -2.90 6.83
CA ILE A 85 21.03 -2.34 7.90
C ILE A 85 19.77 -3.19 8.13
N PRO A 87 17.58 -6.19 9.41
CA PRO A 87 17.77 -7.15 10.51
C PRO A 87 17.85 -8.57 9.99
N TYR A 88 18.35 -9.46 10.84
CA TYR A 88 18.43 -10.89 10.53
C TYR A 88 17.24 -11.64 11.11
N ILE A 89 16.82 -12.71 10.45
CA ILE A 89 15.84 -13.63 11.05
C ILE A 89 16.58 -14.86 11.56
N PRO A 90 15.99 -15.54 12.55
CA PRO A 90 16.53 -16.85 12.94
C PRO A 90 16.39 -17.77 11.73
N GLY A 91 17.30 -18.72 11.61
CA GLY A 91 17.36 -19.56 10.40
C GLY A 91 16.40 -20.73 10.34
N PRO A 92 16.20 -21.29 9.14
CA PRO A 92 15.33 -22.47 8.97
C PRO A 92 16.01 -23.70 9.57
N VAL A 93 15.21 -24.68 9.98
CA VAL A 93 15.70 -25.88 10.67
C VAL A 93 15.09 -27.13 10.04
N PRO A 94 15.81 -28.26 10.13
CA PRO A 94 15.25 -29.48 9.55
C PRO A 94 14.06 -30.09 10.33
N TYR A 95 14.04 -29.85 11.64
CA TYR A 95 12.99 -30.42 12.50
C TYR A 95 12.66 -29.45 13.64
N VAL A 96 11.43 -28.96 13.62
CA VAL A 96 11.04 -27.93 14.58
C VAL A 96 10.72 -28.56 15.93
N THR A 97 11.21 -27.94 16.99
CA THR A 97 11.01 -28.46 18.34
C THR A 97 10.56 -27.29 19.20
N ASN A 98 10.11 -27.60 20.41
CA ASN A 98 9.67 -26.57 21.35
C ASN A 98 10.84 -25.62 21.68
N SER A 99 12.02 -26.17 21.93
CA SER A 99 13.15 -25.32 22.30
C SER A 99 13.58 -24.41 21.14
N ILE A 100 13.57 -24.92 19.90
CA ILE A 100 13.83 -24.07 18.73
C ILE A 100 12.79 -22.95 18.62
N THR A 101 11.52 -23.30 18.81
CA THR A 101 10.42 -22.31 18.73
C THR A 101 10.49 -21.25 19.81
N LYS A 102 10.87 -21.67 21.03
CA LYS A 102 11.01 -20.71 22.14
C LYS A 102 12.04 -19.64 21.78
N LYS A 103 13.19 -20.05 21.25
CA LYS A 103 14.25 -19.10 20.89
C LYS A 103 13.79 -18.25 19.70
N ARG A 104 13.07 -18.85 18.77
CA ARG A 104 12.54 -18.10 17.64
C ARG A 104 11.62 -16.99 18.13
N LYS A 105 10.83 -17.27 19.17
CA LYS A 105 9.86 -16.25 19.63
C LYS A 105 10.63 -15.01 20.11
N GLU A 106 11.70 -15.25 20.83
CA GLU A 106 12.54 -14.17 21.33
C GLU A 106 13.20 -13.44 20.18
N ASP A 107 13.76 -14.18 19.23
CA ASP A 107 14.44 -13.54 18.09
C ASP A 107 13.46 -12.77 17.19
N LEU A 108 12.30 -13.35 16.92
CA LEU A 108 11.30 -12.73 16.03
C LEU A 108 10.70 -11.48 16.66
N ASN A 109 10.59 -11.46 17.99
CA ASN A 109 10.13 -10.25 18.67
C ASN A 109 11.00 -9.04 18.33
N ILE A 110 12.32 -9.26 18.36
CA ILE A 110 13.30 -8.20 18.09
C ILE A 110 13.28 -7.88 16.58
N TYR A 111 13.23 -8.92 15.76
CA TYR A 111 13.15 -8.78 14.30
C TYR A 111 12.00 -7.88 13.85
N VAL A 112 10.79 -8.13 14.34
CA VAL A 112 9.65 -7.31 13.87
C VAL A 112 9.71 -5.86 14.35
N ALA A 113 10.25 -5.65 15.55
CA ALA A 113 10.41 -4.29 16.05
C ALA A 113 11.43 -3.56 15.17
N ASP A 114 12.51 -4.25 14.85
CA ASP A 114 13.58 -3.68 13.99
C ASP A 114 13.04 -3.33 12.60
N LEU A 115 12.19 -4.18 12.04
CA LEU A 115 11.61 -3.90 10.72
C LEU A 115 10.81 -2.61 10.69
N VAL A 116 9.87 -2.49 11.61
CA VAL A 116 8.98 -1.34 11.61
C VAL A 116 9.75 -0.04 11.83
N ASN A 117 10.95 -0.15 12.40
CA ASN A 117 11.82 1.01 12.66
C ASN A 117 12.81 1.31 11.52
N LEU A 118 12.82 0.48 10.48
CA LEU A 118 13.72 0.73 9.35
C LEU A 118 13.39 2.10 8.74
N PRO A 119 14.31 2.67 7.92
CA PRO A 119 13.93 3.92 7.25
C PRO A 119 12.58 3.82 6.54
N ASP A 120 11.81 4.91 6.58
CA ASP A 120 10.52 5.02 5.87
C ASP A 120 10.41 4.31 4.53
N TYR A 121 11.41 4.47 3.65
CA TYR A 121 11.30 3.89 2.31
C TYR A 121 11.24 2.35 2.33
N ILE A 122 11.68 1.76 3.44
CA ILE A 122 11.56 0.31 3.65
C ILE A 122 10.35 -0.01 4.53
N SER A 123 10.26 0.59 5.70
CA SER A 123 9.14 0.28 6.63
C SER A 123 7.74 0.58 6.07
N ARG A 124 7.56 1.75 5.43
CA ARG A 124 6.26 2.13 4.85
C ARG A 124 5.82 1.37 3.60
N SER A 125 6.62 0.38 3.19
CA SER A 125 6.35 -0.40 1.99
C SER A 125 5.16 -1.29 2.21
N GLU A 126 4.45 -1.55 1.11
CA GLU A 126 3.42 -2.58 1.05
C GLU A 126 4.03 -3.89 1.58
N VAL A 128 6.57 -4.70 3.79
CA VAL A 128 6.70 -4.84 5.23
C VAL A 128 5.32 -4.89 5.87
N HIS A 129 4.40 -4.05 5.41
CA HIS A 129 3.06 -4.00 5.99
C HIS A 129 2.27 -5.28 5.74
N SER A 130 2.66 -6.01 4.70
CA SER A 130 1.93 -7.21 4.27
C SER A 130 1.87 -8.26 5.38
N LEU A 131 2.92 -8.33 6.18
CA LEU A 131 2.98 -9.33 7.24
C LEU A 131 1.93 -9.06 8.32
N PHE A 132 1.51 -7.81 8.43
CA PHE A 132 0.68 -7.35 9.55
C PHE A 132 -0.79 -7.12 9.18
N VAL A 133 -1.16 -7.44 7.93
CA VAL A 133 -2.54 -7.30 7.48
C VAL A 133 -3.38 -8.36 8.18
N VAL A 134 -4.63 -8.01 8.50
CA VAL A 134 -5.59 -8.97 9.05
C VAL A 134 -5.98 -9.97 7.97
N LEU A 135 -5.63 -11.23 8.21
CA LEU A 135 -5.97 -12.33 7.29
C LEU A 135 -7.29 -13.00 7.67
N ASN A 136 -7.97 -13.60 6.69
CA ASN A 136 -9.14 -14.41 6.99
C ASN A 136 -8.69 -15.82 7.40
N ASN A 137 -8.08 -15.91 8.58
CA ASN A 137 -7.42 -17.13 9.02
C ASN A 137 -8.01 -17.69 10.32
N GLY A 138 -9.20 -17.21 10.67
CA GLY A 138 -9.93 -17.66 11.87
C GLY A 138 -9.29 -17.20 13.17
N PHE A 139 -8.49 -16.13 13.11
CA PHE A 139 -7.73 -15.65 14.26
C PHE A 139 -7.53 -14.13 14.24
N ASP A 140 -6.91 -13.63 13.17
CA ASP A 140 -6.46 -12.24 13.14
C ASP A 140 -7.59 -11.27 13.46
N ARG A 141 -7.28 -10.27 14.26
CA ARG A 141 -8.29 -9.28 14.64
C ARG A 141 -7.67 -7.92 14.88
N GLU A 142 -8.44 -6.91 14.49
CA GLU A 142 -8.08 -5.52 14.73
C GLU A 142 -8.96 -4.90 15.79
N PHE A 143 -8.34 -4.14 16.68
CA PHE A 143 -9.02 -3.47 17.78
C PHE A 143 -8.96 -1.96 17.59
N GLU A 144 -10.09 -1.30 17.83
CA GLU A 144 -10.13 0.15 17.83
C GLU A 144 -9.25 0.67 18.97
N ARG A 145 -8.84 1.92 18.87
CA ARG A 145 -7.98 2.54 19.89
C ARG A 145 -8.67 2.51 21.26
N ALA B 10 -22.35 -1.44 -16.45
CA ALA B 10 -20.90 -1.08 -16.32
C ALA B 10 -20.73 0.32 -15.69
N LYS B 11 -19.48 0.74 -15.45
CA LYS B 11 -19.21 2.09 -14.93
C LYS B 11 -19.11 3.10 -16.06
N LEU B 12 -18.63 2.64 -17.21
CA LEU B 12 -18.49 3.49 -18.38
C LEU B 12 -19.80 3.55 -19.19
N VAL B 13 -20.10 4.73 -19.71
CA VAL B 13 -21.24 4.91 -20.60
C VAL B 13 -20.74 5.38 -21.97
N ASP B 14 -21.07 4.62 -23.02
CA ASP B 14 -20.63 4.97 -24.38
C ASP B 14 -21.16 6.36 -24.73
N GLY B 15 -20.33 7.15 -25.40
CA GLY B 15 -20.69 8.55 -25.70
C GLY B 15 -20.65 9.49 -24.53
N GLU B 16 -20.13 9.03 -23.39
CA GLU B 16 -20.04 9.83 -22.17
C GLU B 16 -18.70 9.55 -21.48
N LEU B 17 -17.62 9.75 -22.23
CA LEU B 17 -16.24 9.44 -21.81
C LEU B 17 -15.56 10.66 -21.20
N LEU B 18 -14.50 10.43 -20.43
CA LEU B 18 -13.83 11.54 -19.76
C LEU B 18 -13.08 12.36 -20.76
N VAL B 19 -13.31 13.67 -20.75
CA VAL B 19 -12.51 14.57 -21.59
C VAL B 19 -11.60 15.49 -20.75
N LYS B 20 -11.98 15.74 -19.51
CA LYS B 20 -11.18 16.60 -18.61
C LYS B 20 -11.45 16.18 -17.17
N ALA B 21 -10.41 16.31 -16.33
CA ALA B 21 -10.55 16.03 -14.90
C ALA B 21 -9.64 16.94 -14.11
N SER B 22 -10.05 17.24 -12.88
CA SER B 22 -9.28 18.12 -12.00
C SER B 22 -9.61 17.84 -10.54
N VAL B 23 -8.74 18.30 -9.64
CA VAL B 23 -9.08 18.31 -8.22
C VAL B 23 -9.01 19.76 -7.82
N GLU B 24 -10.15 20.27 -7.35
CA GLU B 24 -10.28 21.72 -7.25
C GLU B 24 -10.18 22.28 -5.85
N SER B 25 -10.39 21.44 -4.86
CA SER B 25 -10.31 21.90 -3.48
C SER B 25 -10.18 20.69 -2.55
N PHE B 26 -9.91 20.98 -1.28
CA PHE B 26 -9.95 19.95 -0.24
C PHE B 26 -10.67 20.50 0.99
N GLY B 27 -11.22 19.59 1.78
CA GLY B 27 -11.92 19.94 3.02
C GLY B 27 -11.65 18.91 4.11
N LEU B 28 -12.16 19.21 5.29
CA LEU B 28 -12.08 18.34 6.44
C LEU B 28 -13.53 18.12 6.89
N GLU B 29 -13.92 16.86 6.98
CA GLU B 29 -15.26 16.52 7.41
C GLU B 29 -15.18 15.34 8.37
N ASP B 30 -15.70 15.54 9.59
CA ASP B 30 -15.68 14.50 10.63
C ASP B 30 -14.31 13.80 10.72
N GLU B 31 -13.26 14.62 10.83
CA GLU B 31 -11.88 14.12 10.98
C GLU B 31 -11.31 13.38 9.75
N LYS B 32 -11.97 13.51 8.60
CA LYS B 32 -11.44 12.96 7.37
C LYS B 32 -11.19 14.07 6.37
N TYR B 33 -10.03 14.04 5.72
CA TYR B 33 -9.72 14.96 4.65
C TYR B 33 -10.20 14.43 3.31
N TRP B 34 -10.84 15.30 2.55
CA TRP B 34 -11.43 14.89 1.29
C TRP B 34 -11.09 15.91 0.19
N PHE B 35 -11.25 15.46 -1.05
CA PHE B 35 -10.96 16.25 -2.22
C PHE B 35 -12.21 16.39 -3.09
N LEU B 36 -12.38 17.59 -3.64
CA LEU B 36 -13.40 17.85 -4.66
C LEU B 36 -12.81 17.51 -6.00
N VAL B 37 -13.33 16.45 -6.59
CA VAL B 37 -12.89 15.98 -7.92
C VAL B 37 -13.97 16.39 -8.93
N CYS B 38 -13.53 17.05 -9.99
CA CYS B 38 -14.44 17.49 -11.05
C CYS B 38 -14.07 16.83 -12.34
N CYS B 39 -15.07 16.59 -13.18
CA CYS B 39 -14.77 16.09 -14.51
C CYS B 39 -15.84 16.57 -15.50
N GLU B 40 -15.45 16.57 -16.77
CA GLU B 40 -16.37 16.83 -17.87
C GLU B 40 -16.38 15.60 -18.76
N LEU B 41 -17.57 15.26 -19.25
CA LEU B 41 -17.73 14.07 -20.08
C LEU B 41 -17.95 14.49 -21.54
N SER B 42 -17.84 13.53 -22.47
CA SER B 42 -17.83 13.84 -23.89
C SER B 42 -19.19 14.29 -24.45
N ASN B 43 -20.24 14.19 -23.65
CA ASN B 43 -21.56 14.67 -24.04
C ASN B 43 -21.87 16.00 -23.37
N GLY B 44 -20.85 16.59 -22.76
CA GLY B 44 -21.01 17.88 -22.11
C GLY B 44 -21.46 17.90 -20.65
N LYS B 45 -21.88 16.75 -20.12
CA LYS B 45 -22.24 16.66 -18.69
C LYS B 45 -20.99 16.87 -17.82
N THR B 46 -21.22 17.33 -16.59
CA THR B 46 -20.09 17.55 -15.64
C THR B 46 -20.46 16.92 -14.32
N ARG B 47 -19.45 16.58 -13.51
CA ARG B 47 -19.71 16.03 -12.20
C ARG B 47 -18.86 16.74 -11.18
N GLN B 48 -19.38 16.78 -9.95
CA GLN B 48 -18.63 17.20 -8.76
C GLN B 48 -18.68 16.06 -7.78
N LEU B 49 -17.51 15.61 -7.34
CA LEU B 49 -17.39 14.37 -6.57
C LEU B 49 -16.56 14.55 -5.33
N LYS B 50 -16.85 13.75 -4.31
CA LYS B 50 -16.07 13.76 -3.07
C LYS B 50 -15.26 12.49 -3.00
N ARG B 51 -13.94 12.63 -2.94
CA ARG B 51 -13.04 11.45 -2.87
C ARG B 51 -11.99 11.64 -1.78
N TYR B 52 -11.49 10.53 -1.26
CA TYR B 52 -10.46 10.55 -0.22
C TYR B 52 -9.16 10.07 -0.82
N TYR B 53 -8.04 10.36 -0.14
CA TYR B 53 -6.76 9.93 -0.68
C TYR B 53 -6.82 8.43 -1.00
N GLN B 54 -7.37 7.63 -0.08
CA GLN B 54 -7.41 6.17 -0.27
C GLN B 54 -8.04 5.76 -1.61
N ASP B 55 -9.02 6.52 -2.07
CA ASP B 55 -9.62 6.21 -3.36
C ASP B 55 -8.62 6.28 -4.52
N PHE B 56 -7.73 7.28 -4.50
CA PHE B 56 -6.69 7.41 -5.51
C PHE B 56 -5.67 6.30 -5.33
N TYR B 57 -5.27 6.03 -4.09
CA TYR B 57 -4.31 4.94 -3.83
C TYR B 57 -4.83 3.60 -4.36
N ASP B 58 -6.09 3.30 -4.04
CA ASP B 58 -6.71 2.05 -4.46
C ASP B 58 -6.77 1.92 -5.98
N LEU B 59 -7.08 3.02 -6.67
CA LEU B 59 -7.12 2.98 -8.13
C LEU B 59 -5.72 2.70 -8.67
N GLN B 60 -4.73 3.38 -8.09
CA GLN B 60 -3.37 3.24 -8.57
C GLN B 60 -2.89 1.81 -8.45
N VAL B 61 -3.17 1.17 -7.32
CA VAL B 61 -2.84 -0.26 -7.13
C VAL B 61 -3.44 -1.07 -8.27
N GLN B 62 -4.71 -0.84 -8.57
CA GLN B 62 -5.39 -1.60 -9.63
C GLN B 62 -4.71 -1.36 -10.98
N LEU B 63 -4.41 -0.10 -11.26
CA LEU B 63 -3.81 0.24 -12.56
C LEU B 63 -2.41 -0.34 -12.72
N LEU B 64 -1.58 -0.26 -11.69
CA LEU B 64 -0.21 -0.76 -11.85
C LEU B 64 -0.25 -2.28 -12.05
N ASP B 65 -1.22 -2.96 -11.44
CA ASP B 65 -1.35 -4.41 -11.60
C ASP B 65 -1.90 -4.79 -12.96
N ALA B 66 -2.89 -4.05 -13.46
CA ALA B 66 -3.56 -4.42 -14.71
C ALA B 66 -2.74 -4.04 -15.96
N PHE B 67 -1.90 -3.02 -15.83
CA PHE B 67 -1.12 -2.49 -16.95
C PHE B 67 0.37 -2.47 -16.63
N PRO B 68 0.96 -3.67 -16.41
CA PRO B 68 2.36 -3.70 -15.94
C PRO B 68 3.35 -3.02 -16.90
N ALA B 69 3.13 -3.13 -18.21
CA ALA B 69 4.00 -2.47 -19.19
C ALA B 69 4.03 -0.96 -19.00
N GLU B 70 2.85 -0.36 -18.84
CA GLU B 70 2.74 1.07 -18.68
C GLU B 70 3.17 1.51 -17.28
N ALA B 71 3.22 0.54 -16.36
CA ALA B 71 3.75 0.77 -15.00
C ALA B 71 5.27 0.74 -14.95
N GLY B 72 5.91 0.41 -16.07
CA GLY B 72 7.37 0.29 -16.11
C GLY B 72 7.79 -1.05 -15.55
N LYS B 73 6.90 -2.01 -15.65
CA LYS B 73 7.12 -3.35 -15.09
C LYS B 73 7.01 -4.47 -16.13
N LEU B 74 7.20 -4.15 -17.41
CA LEU B 74 7.26 -5.19 -18.45
C LEU B 74 8.68 -5.32 -19.00
N ARG B 75 9.22 -6.54 -18.92
CA ARG B 75 10.47 -6.88 -19.60
C ARG B 75 10.20 -7.46 -20.97
N ASP B 76 10.88 -6.96 -22.00
CA ASP B 76 10.80 -7.61 -23.31
C ASP B 76 11.88 -8.68 -23.42
N GLY B 78 14.51 -10.28 -24.45
CA GLY B 78 15.59 -9.32 -24.21
C GLY B 78 16.07 -9.37 -22.77
N GLY B 79 15.67 -8.37 -21.99
CA GLY B 79 16.01 -8.32 -20.56
C GLY B 79 15.82 -6.95 -19.92
N GLN B 80 15.41 -5.98 -20.73
CA GLN B 80 15.21 -4.60 -20.27
C GLN B 80 13.80 -4.36 -19.71
N TRP B 81 13.49 -3.10 -19.41
CA TRP B 81 12.18 -2.70 -18.85
C TRP B 81 11.43 -1.69 -19.71
N SER B 82 10.11 -1.83 -19.77
CA SER B 82 9.25 -0.85 -20.46
C SER B 82 9.30 0.48 -19.73
N LYS B 83 8.96 1.55 -20.43
CA LYS B 83 8.95 2.88 -19.82
C LYS B 83 7.66 3.05 -19.04
N ARG B 84 7.81 3.58 -17.84
CA ARG B 84 6.64 3.95 -17.07
C ARG B 84 6.00 5.21 -17.64
N ILE B 85 4.73 5.10 -18.01
CA ILE B 85 3.93 6.28 -18.38
C ILE B 85 2.82 6.57 -17.36
N PRO B 87 1.02 7.96 -14.31
CA PRO B 87 1.36 9.08 -13.43
C PRO B 87 1.61 8.55 -12.00
N TYR B 88 2.31 9.34 -11.19
CA TYR B 88 2.54 8.97 -9.79
C TYR B 88 1.53 9.66 -8.88
N ILE B 89 1.27 9.03 -7.74
CA ILE B 89 0.48 9.66 -6.68
C ILE B 89 1.42 9.88 -5.49
N PRO B 90 1.10 10.87 -4.62
CA PRO B 90 1.77 11.02 -3.34
C PRO B 90 1.60 9.71 -2.55
N GLY B 91 2.50 9.44 -1.61
CA GLY B 91 2.37 8.22 -0.83
C GLY B 91 1.54 8.36 0.45
N PRO B 92 1.17 7.23 1.07
CA PRO B 92 0.46 7.26 2.34
C PRO B 92 1.31 7.83 3.46
N VAL B 93 0.63 8.37 4.47
CA VAL B 93 1.30 9.00 5.62
C VAL B 93 0.69 8.46 6.93
N PRO B 94 1.46 8.51 8.03
CA PRO B 94 0.94 8.06 9.31
C PRO B 94 -0.16 8.96 9.91
N TYR B 95 -0.06 10.27 9.68
CA TYR B 95 -1.08 11.21 10.10
C TYR B 95 -1.43 12.15 8.98
N VAL B 96 -2.70 12.14 8.59
CA VAL B 96 -3.14 13.05 7.53
C VAL B 96 -3.46 14.43 8.12
N THR B 97 -2.79 15.48 7.61
CA THR B 97 -2.95 16.81 8.16
C THR B 97 -3.37 17.81 7.07
N ASN B 98 -3.69 19.02 7.49
CA ASN B 98 -4.08 20.07 6.54
C ASN B 98 -2.97 20.33 5.52
N SER B 99 -1.73 20.50 5.98
CA SER B 99 -0.64 20.82 5.06
C SER B 99 -0.32 19.67 4.09
N ILE B 100 -0.36 18.44 4.59
CA ILE B 100 -0.16 17.27 3.74
C ILE B 100 -1.27 17.22 2.68
N THR B 101 -2.50 17.50 3.11
CA THR B 101 -3.64 17.47 2.19
C THR B 101 -3.59 18.58 1.16
N LYS B 102 -3.17 19.76 1.57
CA LYS B 102 -2.98 20.87 0.63
C LYS B 102 -2.02 20.51 -0.51
N LYS B 103 -0.88 19.91 -0.18
CA LYS B 103 0.08 19.48 -1.21
C LYS B 103 -0.52 18.35 -2.07
N ARG B 104 -1.24 17.42 -1.44
CA ARG B 104 -1.86 16.33 -2.17
C ARG B 104 -2.86 16.83 -3.21
N LYS B 105 -3.56 17.90 -2.88
CA LYS B 105 -4.58 18.46 -3.77
C LYS B 105 -3.90 18.86 -5.10
N GLU B 106 -2.75 19.50 -4.99
CA GLU B 106 -2.02 19.95 -6.19
C GLU B 106 -1.51 18.77 -7.00
N ASP B 107 -0.97 17.75 -6.32
CA ASP B 107 -0.44 16.58 -7.00
C ASP B 107 -1.56 15.79 -7.65
N LEU B 108 -2.66 15.61 -6.92
CA LEU B 108 -3.77 14.81 -7.43
C LEU B 108 -4.47 15.49 -8.59
N ASN B 109 -4.50 16.83 -8.56
CA ASN B 109 -5.07 17.56 -9.68
C ASN B 109 -4.39 17.19 -11.00
N ILE B 110 -3.06 17.13 -10.94
CA ILE B 110 -2.23 16.77 -12.07
C ILE B 110 -2.39 15.29 -12.39
N TYR B 111 -2.53 14.45 -11.35
CA TYR B 111 -2.70 13.00 -11.52
C TYR B 111 -3.97 12.71 -12.35
N VAL B 112 -5.10 13.29 -11.96
CA VAL B 112 -6.36 12.96 -12.66
C VAL B 112 -6.34 13.52 -14.08
N ALA B 113 -5.74 14.70 -14.27
CA ALA B 113 -5.64 15.26 -15.61
C ALA B 113 -4.84 14.32 -16.51
N ASP B 114 -3.76 13.77 -15.94
CA ASP B 114 -2.88 12.85 -16.67
C ASP B 114 -3.59 11.55 -17.03
N LEU B 115 -4.40 11.04 -16.10
CA LEU B 115 -5.14 9.79 -16.37
C LEU B 115 -5.99 9.89 -17.64
N VAL B 116 -6.65 11.02 -17.80
CA VAL B 116 -7.57 11.23 -18.93
C VAL B 116 -6.85 11.17 -20.27
N ASN B 117 -5.55 11.48 -20.25
CA ASN B 117 -4.77 11.59 -21.46
C ASN B 117 -4.01 10.32 -21.84
N LEU B 118 -4.04 9.31 -20.95
CA LEU B 118 -3.31 8.06 -21.22
C LEU B 118 -3.89 7.29 -22.43
N PRO B 119 -3.18 6.25 -22.90
CA PRO B 119 -3.73 5.45 -24.01
C PRO B 119 -5.17 5.03 -23.79
N ASP B 120 -5.91 4.91 -24.88
CA ASP B 120 -7.35 4.63 -24.81
C ASP B 120 -7.72 3.44 -23.93
N TYR B 121 -6.94 2.38 -24.01
CA TYR B 121 -7.24 1.19 -23.22
C TYR B 121 -7.11 1.42 -21.70
N ILE B 122 -6.46 2.51 -21.30
CA ILE B 122 -6.39 2.89 -19.89
C ILE B 122 -7.38 4.02 -19.57
N SER B 123 -7.33 5.09 -20.36
CA SER B 123 -8.19 6.23 -20.10
C SER B 123 -9.68 5.94 -20.29
N ARG B 124 -9.99 4.93 -21.11
CA ARG B 124 -11.40 4.51 -21.31
C ARG B 124 -11.71 3.20 -20.57
N SER B 125 -10.86 2.81 -19.62
CA SER B 125 -11.06 1.55 -18.88
C SER B 125 -12.18 1.68 -17.87
N GLU B 126 -12.77 0.55 -17.51
CA GLU B 126 -13.69 0.49 -16.37
C GLU B 126 -13.07 1.01 -15.08
N VAL B 128 -10.61 3.21 -14.57
CA VAL B 128 -10.50 4.66 -14.50
C VAL B 128 -11.90 5.30 -14.36
N HIS B 129 -12.86 4.84 -15.17
CA HIS B 129 -14.21 5.43 -15.10
C HIS B 129 -14.86 5.21 -13.74
N SER B 130 -14.49 4.12 -13.07
CA SER B 130 -15.05 3.86 -11.74
C SER B 130 -14.81 5.00 -10.75
N LEU B 131 -13.65 5.66 -10.85
CA LEU B 131 -13.32 6.75 -9.91
C LEU B 131 -14.28 7.92 -10.07
N PHE B 132 -14.80 8.07 -11.29
CA PHE B 132 -15.57 9.26 -11.65
C PHE B 132 -17.09 9.08 -11.64
N VAL B 133 -17.56 7.88 -11.30
CA VAL B 133 -19.02 7.68 -11.26
C VAL B 133 -19.65 8.39 -10.06
N VAL B 134 -20.89 8.85 -10.23
CA VAL B 134 -21.65 9.42 -9.11
C VAL B 134 -22.01 8.36 -8.07
N LEU B 135 -21.53 8.52 -6.86
CA LEU B 135 -21.88 7.63 -5.75
C LEU B 135 -23.02 8.22 -4.93
N ASN B 136 -23.72 7.35 -4.19
CA ASN B 136 -24.74 7.79 -3.24
C ASN B 136 -24.08 8.05 -1.89
N ASN B 137 -23.23 9.07 -1.87
CA ASN B 137 -22.37 9.37 -0.74
C ASN B 137 -22.71 10.72 -0.11
N GLY B 138 -23.90 11.22 -0.43
CA GLY B 138 -24.36 12.51 0.13
C GLY B 138 -23.69 13.75 -0.45
N PHE B 139 -23.05 13.62 -1.61
CA PHE B 139 -22.34 14.72 -2.22
C PHE B 139 -22.33 14.66 -3.73
N ASP B 140 -21.92 13.52 -4.29
CA ASP B 140 -21.63 13.46 -5.71
C ASP B 140 -22.85 13.89 -6.51
N ARG B 141 -22.59 14.71 -7.52
CA ARG B 141 -23.66 15.18 -8.41
C ARG B 141 -23.22 15.33 -9.86
N GLU B 142 -24.20 15.17 -10.75
CA GLU B 142 -23.98 15.35 -12.18
C GLU B 142 -24.88 16.48 -12.68
N PHE B 143 -24.33 17.33 -13.54
CA PHE B 143 -25.12 18.37 -14.20
C PHE B 143 -25.17 18.15 -15.71
N GLU B 144 -26.34 18.40 -16.30
CA GLU B 144 -26.50 18.40 -17.75
C GLU B 144 -25.66 19.53 -18.34
N ARG B 145 -25.37 19.47 -19.65
CA ARG B 145 -24.59 20.55 -20.26
C ARG B 145 -25.44 21.82 -20.42
#